data_8QQF
#
_entry.id   8QQF
#
_cell.length_a   134.159
_cell.length_b   134.159
_cell.length_c   123.542
_cell.angle_alpha   90.000
_cell.angle_beta   90.000
_cell.angle_gamma   120.000
#
_symmetry.space_group_name_H-M   'P 65 2 2'
#
loop_
_entity.id
_entity.type
_entity.pdbx_description
1 polymer 'TBC1 domain family member 23'
2 polymer Syntaxin-16
3 non-polymer 'PHOSPHATE ION'
4 non-polymer GLYCEROL
5 water water
#
loop_
_entity_poly.entity_id
_entity_poly.type
_entity_poly.pdbx_seq_one_letter_code
_entity_poly.pdbx_strand_id
1 'polypeptide(L)'
;SFMDRKEVVNIQTWINKPDIKHHFPCKEVKESGHMFPSHLLVTATHMYCLREILSRKGLAYIQSRQALNSVVKITSKKKH
PELITFKYGNSSASGIEILAIERYLIPNAGDATRAIKQQIMK
;
A,C
2 'polypeptide(L)' DDNTLYHRGFTED B,D
#
loop_
_chem_comp.id
_chem_comp.type
_chem_comp.name
_chem_comp.formula
GOL non-polymer GLYCEROL 'C3 H8 O3'
PO4 non-polymer 'PHOSPHATE ION' 'O4 P -3'
#
# COMPACT_ATOMS: atom_id res chain seq x y z
N SER A 1 -13.58 -4.52 -18.72
CA SER A 1 -12.28 -5.11 -18.45
C SER A 1 -12.17 -5.57 -16.98
N PHE A 2 -11.23 -6.49 -16.74
CA PHE A 2 -10.79 -6.79 -15.38
C PHE A 2 -9.56 -5.99 -15.03
N MET A 3 -8.63 -5.85 -15.97
CA MET A 3 -7.49 -4.97 -15.81
C MET A 3 -7.21 -4.29 -17.13
N ASP A 4 -7.00 -2.97 -17.11
CA ASP A 4 -6.55 -2.30 -18.33
C ASP A 4 -5.05 -2.02 -18.16
N ARG A 5 -4.67 -1.06 -17.33
CA ARG A 5 -3.36 -1.14 -16.71
C ARG A 5 -3.45 -1.61 -15.26
N LYS A 6 -4.46 -1.09 -14.52
CA LYS A 6 -4.85 -1.46 -13.17
C LYS A 6 -6.23 -2.12 -13.24
N GLU A 7 -6.87 -2.30 -12.09
CA GLU A 7 -8.21 -2.88 -12.03
C GLU A 7 -9.27 -1.88 -12.50
N VAL A 8 -10.11 -2.31 -13.44
CA VAL A 8 -11.16 -1.47 -14.02
C VAL A 8 -12.47 -1.73 -13.29
N VAL A 9 -13.14 -0.68 -12.86
CA VAL A 9 -14.46 -0.81 -12.25
C VAL A 9 -15.40 0.27 -12.77
N ASN A 10 -16.66 0.15 -12.36
CA ASN A 10 -17.72 1.03 -12.80
C ASN A 10 -17.95 2.09 -11.72
N ILE A 11 -17.65 3.34 -12.07
CA ILE A 11 -17.65 4.45 -11.09
C ILE A 11 -18.95 4.48 -10.32
N GLN A 12 -20.08 4.47 -11.04
CA GLN A 12 -21.38 4.48 -10.37
C GLN A 12 -21.51 3.32 -9.41
N THR A 13 -21.31 2.08 -9.90
CA THR A 13 -21.43 0.91 -9.04
C THR A 13 -20.74 1.13 -7.71
N TRP A 14 -19.54 1.74 -7.75
CA TRP A 14 -18.76 1.93 -6.54
C TRP A 14 -19.35 3.01 -5.65
N ILE A 15 -19.77 4.14 -6.26
CA ILE A 15 -20.36 5.25 -5.50
C ILE A 15 -21.49 4.77 -4.61
N ASN A 16 -22.28 3.82 -5.11
CA ASN A 16 -23.44 3.33 -4.38
C ASN A 16 -23.09 2.25 -3.38
N LYS A 17 -21.84 1.81 -3.32
CA LYS A 17 -21.53 0.73 -2.39
C LYS A 17 -21.90 1.18 -0.99
N PRO A 18 -22.28 0.25 -0.11
CA PRO A 18 -22.68 0.66 1.25
C PRO A 18 -21.54 1.29 2.03
N ASP A 19 -20.31 0.76 1.90
CA ASP A 19 -19.17 1.31 2.62
C ASP A 19 -19.00 2.80 2.38
N ILE A 20 -19.38 3.28 1.21
CA ILE A 20 -19.02 4.64 0.79
C ILE A 20 -19.73 5.65 1.69
N LYS A 21 -18.94 6.37 2.48
CA LYS A 21 -19.44 7.48 3.29
C LYS A 21 -19.41 8.81 2.51
N HIS A 22 -18.46 8.99 1.60
CA HIS A 22 -18.38 10.23 0.83
C HIS A 22 -17.83 9.95 -0.56
N HIS A 23 -17.88 10.99 -1.40
CA HIS A 23 -17.52 10.88 -2.79
C HIS A 23 -17.24 12.30 -3.29
N PHE A 24 -16.13 12.49 -3.99
CA PHE A 24 -15.72 13.84 -4.40
C PHE A 24 -15.02 13.81 -5.76
N PRO A 25 -15.64 14.37 -6.80
CA PRO A 25 -14.91 14.56 -8.05
C PRO A 25 -13.70 15.45 -7.86
N CYS A 26 -12.67 15.21 -8.64
CA CYS A 26 -11.45 16.02 -8.62
C CYS A 26 -10.59 15.60 -9.80
N LYS A 27 -9.36 16.11 -9.83
CA LYS A 27 -8.34 15.68 -10.79
C LYS A 27 -7.06 15.43 -10.02
N GLU A 28 -6.48 14.24 -10.15
CA GLU A 28 -5.15 14.05 -9.58
C GLU A 28 -4.19 14.94 -10.33
N VAL A 29 -3.24 15.53 -9.61
CA VAL A 29 -2.19 16.33 -10.23
C VAL A 29 -0.85 15.65 -10.05
N LYS A 30 -0.14 15.45 -11.15
CA LYS A 30 1.20 14.87 -11.16
C LYS A 30 2.25 15.96 -11.09
N GLU A 31 3.46 15.57 -10.66
CA GLU A 31 4.58 16.50 -10.74
C GLU A 31 4.79 16.96 -12.17
N SER A 32 4.64 16.04 -13.14
CA SER A 32 4.74 16.38 -14.55
C SER A 32 3.78 17.49 -14.94
N GLY A 33 2.73 17.71 -14.15
CA GLY A 33 1.74 18.71 -14.46
C GLY A 33 0.49 18.16 -15.09
N HIS A 34 0.50 16.93 -15.58
CA HIS A 34 -0.70 16.37 -16.18
C HIS A 34 -1.77 16.17 -15.11
N MET A 35 -3.01 16.23 -15.53
CA MET A 35 -4.11 16.08 -14.59
C MET A 35 -5.06 15.03 -15.11
N PHE A 36 -5.68 14.31 -14.19
CA PHE A 36 -6.46 13.13 -14.53
C PHE A 36 -7.76 13.16 -13.76
N PRO A 37 -8.86 13.46 -14.41
CA PRO A 37 -10.17 13.42 -13.76
C PRO A 37 -10.38 12.14 -12.97
N SER A 38 -10.78 12.30 -11.71
CA SER A 38 -10.83 11.17 -10.81
C SER A 38 -12.00 11.35 -9.86
N HIS A 39 -12.12 10.44 -8.90
CA HIS A 39 -13.17 10.49 -7.88
C HIS A 39 -12.60 9.93 -6.60
N LEU A 40 -12.43 10.77 -5.60
CA LEU A 40 -12.01 10.30 -4.29
C LEU A 40 -13.21 9.70 -3.56
N LEU A 41 -13.15 8.40 -3.28
CA LEU A 41 -14.22 7.73 -2.56
C LEU A 41 -13.74 7.39 -1.16
N VAL A 42 -14.44 7.89 -0.16
CA VAL A 42 -14.02 7.82 1.24
C VAL A 42 -14.90 6.83 1.97
N THR A 43 -14.29 5.87 2.66
CA THR A 43 -15.02 4.94 3.49
C THR A 43 -14.66 5.22 4.94
N ALA A 44 -15.18 4.38 5.83
CA ALA A 44 -14.92 4.60 7.24
C ALA A 44 -13.48 4.32 7.60
N THR A 45 -12.77 3.56 6.76
CA THR A 45 -11.37 3.24 7.02
C THR A 45 -10.42 3.48 5.85
N HIS A 46 -10.91 3.70 4.64
CA HIS A 46 -10.02 3.84 3.49
C HIS A 46 -10.42 5.03 2.63
N MET A 47 -9.51 5.42 1.74
CA MET A 47 -9.80 6.44 0.73
C MET A 47 -9.27 5.95 -0.60
N TYR A 48 -10.19 5.67 -1.53
CA TYR A 48 -9.86 5.20 -2.86
C TYR A 48 -9.76 6.38 -3.80
N CYS A 49 -9.03 6.20 -4.88
CA CYS A 49 -9.00 7.19 -5.94
C CYS A 49 -9.24 6.43 -7.23
N LEU A 50 -10.36 6.72 -7.87
CA LEU A 50 -10.74 6.06 -9.11
C LEU A 50 -10.38 7.01 -10.24
N ARG A 51 -9.53 6.56 -11.16
CA ARG A 51 -9.11 7.39 -12.27
C ARG A 51 -10.04 7.10 -13.44
N GLU A 52 -10.77 8.12 -13.88
CA GLU A 52 -11.68 7.92 -14.98
C GLU A 52 -10.92 7.44 -16.21
N ILE A 53 -11.49 6.47 -16.91
CA ILE A 53 -11.00 6.06 -18.21
C ILE A 53 -11.79 6.83 -19.24
N LEU A 54 -11.09 7.73 -19.93
CA LEU A 54 -11.78 8.64 -20.85
C LEU A 54 -12.51 7.87 -21.94
N SER A 55 -11.78 7.02 -22.67
CA SER A 55 -12.30 6.25 -23.80
C SER A 55 -13.38 5.23 -23.44
N ARG A 56 -13.74 5.05 -22.17
CA ARG A 56 -14.74 4.06 -21.75
C ARG A 56 -15.61 4.74 -20.71
N LYS A 57 -16.74 5.30 -21.14
CA LYS A 57 -17.57 6.09 -20.23
C LYS A 57 -17.98 5.29 -19.00
N GLY A 58 -17.97 5.95 -17.86
CA GLY A 58 -18.44 5.34 -16.62
C GLY A 58 -17.53 4.29 -16.05
N LEU A 59 -16.32 4.15 -16.55
CA LEU A 59 -15.36 3.20 -16.02
C LEU A 59 -14.14 3.94 -15.49
N ALA A 60 -13.52 3.34 -14.47
CA ALA A 60 -12.33 3.92 -13.85
C ALA A 60 -11.38 2.81 -13.44
N TYR A 61 -10.09 3.12 -13.54
CA TYR A 61 -9.05 2.41 -12.82
C TYR A 61 -9.21 2.61 -11.32
N ILE A 62 -8.87 1.58 -10.56
CA ILE A 62 -8.66 1.76 -9.13
C ILE A 62 -7.21 2.20 -9.01
N GLN A 63 -7.00 3.52 -8.97
CA GLN A 63 -5.65 4.08 -9.05
C GLN A 63 -4.90 3.98 -7.71
N SER A 64 -5.59 3.87 -6.58
CA SER A 64 -4.89 3.78 -5.29
C SER A 64 -5.89 3.50 -4.17
N ARG A 65 -5.37 3.08 -3.03
CA ARG A 65 -6.24 2.84 -1.87
C ARG A 65 -5.42 3.00 -0.61
N GLN A 66 -5.67 4.08 0.12
CA GLN A 66 -4.89 4.39 1.31
C GLN A 66 -5.74 4.26 2.56
N ALA A 67 -5.07 3.96 3.67
CA ALA A 67 -5.74 3.82 4.95
C ALA A 67 -5.74 5.18 5.64
N LEU A 68 -6.94 5.65 6.01
CA LEU A 68 -7.03 6.92 6.71
C LEU A 68 -6.04 6.98 7.87
N ASN A 69 -5.94 5.90 8.63
CA ASN A 69 -4.97 5.81 9.71
C ASN A 69 -3.54 6.08 9.28
N SER A 70 -3.23 6.04 7.99
CA SER A 70 -1.88 6.36 7.57
C SER A 70 -1.75 7.78 7.02
N VAL A 71 -2.77 8.63 7.21
CA VAL A 71 -2.68 10.03 6.79
C VAL A 71 -2.00 10.80 7.90
N VAL A 72 -0.97 11.58 7.55
CA VAL A 72 -0.30 12.34 8.59
C VAL A 72 -0.45 13.84 8.38
N LYS A 73 -0.46 14.30 7.13
CA LYS A 73 -0.64 15.73 6.89
C LYS A 73 -1.54 15.94 5.68
N ILE A 74 -2.36 16.98 5.75
CA ILE A 74 -3.19 17.43 4.63
C ILE A 74 -2.98 18.93 4.51
N THR A 75 -2.50 19.38 3.36
CA THR A 75 -2.27 20.80 3.20
C THR A 75 -2.97 21.28 1.94
N SER A 76 -3.36 22.55 1.92
CA SER A 76 -3.83 23.20 0.72
C SER A 76 -2.81 24.28 0.35
N LYS A 77 -2.62 24.51 -0.93
CA LYS A 77 -1.72 25.58 -1.34
C LYS A 77 -2.34 26.92 -0.98
N LYS A 78 -1.46 27.87 -0.67
CA LYS A 78 -1.95 29.22 -0.44
C LYS A 78 -2.41 29.85 -1.74
N LYS A 79 -1.52 29.85 -2.76
CA LYS A 79 -1.88 30.43 -4.05
C LYS A 79 -3.11 29.76 -4.67
N HIS A 80 -3.28 28.45 -4.49
CA HIS A 80 -4.41 27.73 -5.07
C HIS A 80 -5.04 26.82 -4.04
N PRO A 81 -6.01 27.33 -3.28
CA PRO A 81 -6.49 26.60 -2.10
C PRO A 81 -7.30 25.35 -2.40
N GLU A 82 -7.70 25.10 -3.64
CA GLU A 82 -8.39 23.84 -3.95
C GLU A 82 -7.42 22.74 -4.32
N LEU A 83 -6.11 22.99 -4.26
CA LEU A 83 -5.07 22.01 -4.54
C LEU A 83 -4.66 21.41 -3.20
N ILE A 84 -5.13 20.22 -2.93
CA ILE A 84 -4.97 19.59 -1.62
C ILE A 84 -3.93 18.49 -1.76
N THR A 85 -2.88 18.56 -0.95
CA THR A 85 -1.88 17.50 -0.88
C THR A 85 -2.17 16.58 0.29
N PHE A 86 -2.11 15.28 0.06
CA PHE A 86 -2.21 14.28 1.10
C PHE A 86 -0.84 13.65 1.34
N LYS A 87 -0.45 13.52 2.60
CA LYS A 87 0.84 12.98 2.97
C LYS A 87 0.60 11.79 3.90
N TYR A 88 1.13 10.63 3.51
CA TYR A 88 0.94 9.38 4.24
C TYR A 88 2.24 8.87 4.82
N GLY A 89 2.14 8.21 5.97
CA GLY A 89 3.30 7.65 6.62
C GLY A 89 3.03 7.48 8.12
N ASN A 90 4.09 7.82 8.90
CA ASN A 90 4.03 7.74 10.36
C ASN A 90 4.44 9.07 10.98
N SER A 91 3.83 9.38 12.13
CA SER A 91 4.01 10.66 12.80
C SER A 91 4.14 10.44 14.30
N SER A 92 5.07 11.15 14.92
CA SER A 92 5.25 11.11 16.36
C SER A 92 5.70 12.48 16.82
N ALA A 93 6.12 12.56 18.09
CA ALA A 93 6.55 13.83 18.67
C ALA A 93 7.75 14.40 17.92
N SER A 94 8.74 13.55 17.63
CA SER A 94 10.00 14.02 17.05
C SER A 94 9.82 14.54 15.62
N GLY A 95 8.86 14.00 14.89
CA GLY A 95 8.65 14.45 13.53
C GLY A 95 7.75 13.49 12.77
N ILE A 96 7.99 13.43 11.46
CA ILE A 96 7.06 12.83 10.52
C ILE A 96 7.85 11.98 9.54
N GLU A 97 7.34 10.79 9.22
CA GLU A 97 7.94 9.90 8.23
C GLU A 97 7.00 9.84 7.04
N ILE A 98 7.45 10.34 5.88
CA ILE A 98 6.61 10.44 4.69
C ILE A 98 6.89 9.26 3.79
N LEU A 99 5.88 8.41 3.58
CA LEU A 99 6.00 7.28 2.68
C LEU A 99 5.28 7.48 1.34
N ALA A 100 4.20 8.26 1.30
CA ALA A 100 3.50 8.48 0.04
C ALA A 100 2.83 9.86 0.07
N ILE A 101 2.65 10.43 -1.13
CA ILE A 101 2.10 11.77 -1.31
C ILE A 101 1.18 11.74 -2.52
N GLU A 102 -0.09 12.13 -2.34
CA GLU A 102 -1.04 12.28 -3.44
C GLU A 102 -1.57 13.70 -3.45
N ARG A 103 -1.69 14.29 -4.65
CA ARG A 103 -2.15 15.67 -4.83
C ARG A 103 -3.39 15.72 -5.72
N TYR A 104 -4.46 16.30 -5.20
CA TYR A 104 -5.70 16.41 -5.95
C TYR A 104 -6.17 17.84 -5.99
N LEU A 105 -6.64 18.25 -7.15
CA LEU A 105 -7.34 19.50 -7.30
C LEU A 105 -8.83 19.24 -7.08
N ILE A 106 -9.36 19.65 -5.94
CA ILE A 106 -10.70 19.23 -5.52
C ILE A 106 -11.65 20.39 -5.56
N PRO A 107 -12.72 20.33 -6.35
CA PRO A 107 -13.76 21.36 -6.41
C PRO A 107 -14.20 21.97 -5.09
N ASN A 108 -14.66 21.19 -4.14
CA ASN A 108 -15.09 21.79 -2.88
C ASN A 108 -14.07 21.47 -1.80
N ALA A 109 -12.86 22.00 -2.00
CA ALA A 109 -11.74 21.69 -1.14
C ALA A 109 -12.14 21.72 0.33
N GLY A 110 -12.76 22.82 0.75
CA GLY A 110 -13.23 22.96 2.12
C GLY A 110 -14.09 21.81 2.60
N ASP A 111 -15.20 21.56 1.92
CA ASP A 111 -16.11 20.50 2.35
C ASP A 111 -15.40 19.16 2.34
N ALA A 112 -14.68 18.88 1.26
CA ALA A 112 -14.01 17.59 1.11
C ALA A 112 -13.08 17.31 2.28
N THR A 113 -12.08 18.18 2.47
CA THR A 113 -11.11 17.95 3.55
C THR A 113 -11.80 17.87 4.90
N ARG A 114 -12.84 18.67 5.11
CA ARG A 114 -13.54 18.58 6.38
C ARG A 114 -14.20 17.21 6.54
N ALA A 115 -14.73 16.65 5.45
CA ALA A 115 -15.32 15.33 5.53
C ALA A 115 -14.27 14.27 5.83
N ILE A 116 -13.19 14.27 5.04
CA ILE A 116 -12.09 13.34 5.28
C ILE A 116 -11.55 13.50 6.70
N LYS A 117 -11.26 14.74 7.09
CA LYS A 117 -10.73 14.99 8.42
C LYS A 117 -11.64 14.38 9.47
N GLN A 118 -12.96 14.51 9.29
CA GLN A 118 -13.88 13.99 10.29
C GLN A 118 -13.78 12.47 10.37
N GLN A 119 -13.63 11.83 9.23
CA GLN A 119 -13.37 10.39 9.23
C GLN A 119 -12.09 10.06 9.97
N ILE A 120 -10.99 10.72 9.61
CA ILE A 120 -9.69 10.46 10.24
C ILE A 120 -9.77 10.52 11.77
N MET A 121 -10.70 11.31 12.30
CA MET A 121 -10.88 11.42 13.76
C MET A 121 -12.26 10.89 14.24
N SER B 1 -0.23 -7.72 -23.79
CA SER B 1 -0.33 -9.17 -23.73
C SER B 1 1.01 -9.76 -23.31
N PHE B 2 1.90 -8.88 -22.87
CA PHE B 2 3.24 -9.30 -22.44
C PHE B 2 3.36 -9.47 -20.93
N MET B 3 2.32 -9.10 -20.16
CA MET B 3 2.29 -9.38 -18.74
C MET B 3 2.30 -10.88 -18.48
N ASP B 4 2.67 -11.24 -17.25
CA ASP B 4 2.55 -12.61 -16.76
C ASP B 4 1.28 -12.75 -15.92
N ARG B 5 0.51 -13.81 -16.17
CA ARG B 5 -0.78 -14.07 -15.53
C ARG B 5 -0.61 -14.95 -14.30
N LYS B 6 -1.46 -14.72 -13.29
CA LYS B 6 -1.25 -15.26 -11.94
C LYS B 6 -2.45 -16.06 -11.43
N GLU B 7 -2.19 -16.95 -10.47
CA GLU B 7 -3.26 -17.78 -9.89
C GLU B 7 -4.02 -16.97 -8.85
N VAL B 8 -5.34 -16.98 -8.94
CA VAL B 8 -6.18 -16.19 -8.05
C VAL B 8 -6.72 -17.06 -6.93
N VAL B 9 -6.74 -16.54 -5.70
CA VAL B 9 -7.16 -17.30 -4.52
C VAL B 9 -7.95 -16.40 -3.57
N ASN B 10 -8.59 -17.06 -2.60
CA ASN B 10 -9.24 -16.39 -1.49
C ASN B 10 -8.24 -16.24 -0.36
N ILE B 11 -8.17 -15.03 0.21
CA ILE B 11 -7.18 -14.74 1.24
C ILE B 11 -7.46 -15.55 2.50
N GLN B 12 -8.73 -15.59 2.91
CA GLN B 12 -9.06 -16.22 4.19
C GLN B 12 -9.02 -17.74 4.11
N THR B 13 -9.23 -18.31 2.91
CA THR B 13 -8.98 -19.73 2.72
C THR B 13 -7.57 -20.10 3.16
N TRP B 14 -6.58 -19.36 2.64
CA TRP B 14 -5.19 -19.67 2.94
C TRP B 14 -4.84 -19.40 4.39
N ILE B 15 -5.26 -18.24 4.93
CA ILE B 15 -5.00 -17.92 6.32
C ILE B 15 -5.34 -19.10 7.23
N ASN B 16 -6.37 -19.85 6.86
CA ASN B 16 -6.87 -20.92 7.72
C ASN B 16 -6.19 -22.26 7.49
N LYS B 17 -5.56 -22.45 6.33
CA LYS B 17 -4.84 -23.68 6.01
C LYS B 17 -3.97 -24.17 7.18
N PRO B 18 -3.69 -25.47 7.24
CA PRO B 18 -3.01 -26.01 8.43
C PRO B 18 -1.55 -25.58 8.52
N ASP B 19 -0.84 -25.65 7.40
CA ASP B 19 0.58 -25.36 7.33
C ASP B 19 0.88 -23.86 7.43
N ILE B 20 -0.10 -22.99 7.21
CA ILE B 20 0.10 -21.55 7.35
C ILE B 20 0.31 -21.22 8.83
N LYS B 21 1.53 -20.82 9.18
CA LYS B 21 1.88 -20.54 10.57
C LYS B 21 1.73 -19.07 10.93
N HIS B 22 1.97 -18.15 9.99
CA HIS B 22 1.71 -16.74 10.25
C HIS B 22 1.28 -16.06 8.96
N HIS B 23 0.62 -14.93 9.14
CA HIS B 23 0.28 -14.04 8.04
C HIS B 23 0.48 -12.60 8.52
N PHE B 24 0.86 -11.71 7.58
CA PHE B 24 1.03 -10.31 7.92
C PHE B 24 0.58 -9.48 6.75
N PRO B 25 -0.20 -8.45 6.99
CA PRO B 25 -0.45 -7.46 5.94
C PRO B 25 0.82 -6.69 5.68
N CYS B 26 0.97 -6.25 4.45
CA CYS B 26 2.09 -5.39 4.10
C CYS B 26 1.76 -4.71 2.78
N LYS B 27 2.77 -4.09 2.18
CA LYS B 27 2.65 -3.64 0.81
C LYS B 27 3.95 -3.99 0.12
N GLU B 28 3.89 -4.80 -0.93
CA GLU B 28 5.10 -4.99 -1.69
C GLU B 28 5.48 -3.67 -2.32
N VAL B 29 6.73 -3.28 -2.13
CA VAL B 29 7.28 -2.08 -2.74
C VAL B 29 8.03 -2.51 -3.97
N LYS B 30 7.52 -2.15 -5.14
CA LYS B 30 8.21 -2.49 -6.37
C LYS B 30 9.43 -1.59 -6.53
N GLU B 31 10.30 -2.00 -7.46
CA GLU B 31 11.58 -1.31 -7.61
C GLU B 31 11.37 0.12 -8.08
N SER B 32 10.32 0.33 -8.89
CA SER B 32 9.95 1.67 -9.32
C SER B 32 9.49 2.54 -8.16
N GLY B 33 9.17 1.97 -7.01
CA GLY B 33 8.51 2.68 -5.95
C GLY B 33 7.02 2.46 -5.87
N HIS B 34 6.40 1.90 -6.92
CA HIS B 34 5.01 1.50 -6.87
C HIS B 34 4.74 0.59 -5.66
N MET B 35 3.54 0.68 -5.07
CA MET B 35 3.22 -0.13 -3.91
C MET B 35 1.90 -0.88 -4.10
N PHE B 36 1.77 -2.04 -3.42
CA PHE B 36 0.62 -2.93 -3.63
C PHE B 36 0.17 -3.59 -2.33
N PRO B 37 -1.02 -3.28 -1.83
CA PRO B 37 -1.48 -3.94 -0.59
C PRO B 37 -1.45 -5.44 -0.75
N SER B 38 -0.71 -6.15 0.10
CA SER B 38 -0.52 -7.58 -0.06
C SER B 38 -0.65 -8.23 1.31
N HIS B 39 -0.43 -9.54 1.35
CA HIS B 39 -0.29 -10.27 2.61
C HIS B 39 0.84 -11.26 2.48
N LEU B 40 1.65 -11.37 3.54
CA LEU B 40 2.71 -12.35 3.59
C LEU B 40 2.22 -13.54 4.39
N LEU B 41 2.20 -14.71 3.75
CA LEU B 41 1.78 -15.95 4.39
C LEU B 41 3.01 -16.80 4.62
N VAL B 42 3.25 -17.20 5.85
CA VAL B 42 4.48 -17.89 6.21
C VAL B 42 4.15 -19.31 6.63
N THR B 43 4.64 -20.27 5.85
CA THR B 43 4.62 -21.69 6.19
C THR B 43 5.85 -22.02 7.01
N ALA B 44 5.99 -23.27 7.44
CA ALA B 44 7.26 -23.71 7.99
C ALA B 44 8.33 -23.88 6.93
N THR B 45 7.95 -23.85 5.65
CA THR B 45 8.89 -24.13 4.59
C THR B 45 8.95 -22.99 3.54
N HIS B 46 7.84 -22.29 3.35
CA HIS B 46 7.76 -21.26 2.33
C HIS B 46 7.15 -19.98 2.88
N MET B 47 7.27 -18.93 2.06
CA MET B 47 6.65 -17.65 2.33
C MET B 47 5.94 -17.19 1.05
N TYR B 48 4.63 -16.99 1.14
CA TYR B 48 3.80 -16.60 0.02
C TYR B 48 3.43 -15.13 0.13
N CYS B 49 3.34 -14.47 -1.02
CA CYS B 49 2.94 -13.07 -1.12
C CYS B 49 1.68 -12.98 -1.97
N LEU B 50 0.55 -12.62 -1.33
CA LEU B 50 -0.74 -12.51 -2.00
C LEU B 50 -1.05 -11.03 -2.26
N ARG B 51 -0.86 -10.60 -3.51
CA ARG B 51 -1.23 -9.23 -3.87
C ARG B 51 -2.74 -9.12 -3.93
N GLU B 52 -3.31 -8.20 -3.15
CA GLU B 52 -4.76 -8.08 -3.04
C GLU B 52 -5.36 -7.68 -4.37
N ILE B 53 -6.54 -8.23 -4.65
CA ILE B 53 -7.37 -7.75 -5.74
C ILE B 53 -8.32 -6.74 -5.14
N LEU B 54 -8.21 -5.48 -5.60
CA LEU B 54 -8.88 -4.38 -4.92
C LEU B 54 -10.35 -4.33 -5.24
N SER B 55 -10.71 -4.66 -6.49
CA SER B 55 -12.11 -4.58 -6.90
C SER B 55 -12.95 -5.69 -6.28
N ARG B 56 -12.31 -6.77 -5.82
CA ARG B 56 -13.00 -7.96 -5.33
C ARG B 56 -12.51 -8.26 -3.92
N LYS B 57 -13.30 -7.84 -2.92
CA LYS B 57 -12.92 -8.03 -1.52
C LYS B 57 -12.64 -9.50 -1.23
N GLY B 58 -11.64 -9.75 -0.38
CA GLY B 58 -11.25 -11.08 0.06
C GLY B 58 -10.45 -11.90 -0.93
N LEU B 59 -10.10 -11.34 -2.08
CA LEU B 59 -9.37 -12.08 -3.11
C LEU B 59 -8.02 -11.45 -3.36
N ALA B 60 -7.11 -12.29 -3.85
CA ALA B 60 -5.75 -11.86 -4.12
C ALA B 60 -5.15 -12.86 -5.08
N TYR B 61 -4.33 -12.40 -6.00
CA TYR B 61 -3.57 -13.41 -6.72
C TYR B 61 -2.22 -13.64 -6.03
N ILE B 62 -1.57 -14.72 -6.43
CA ILE B 62 -0.40 -15.21 -5.72
C ILE B 62 0.82 -14.63 -6.42
N GLN B 63 1.31 -13.51 -5.89
CA GLN B 63 2.32 -12.74 -6.59
C GLN B 63 3.65 -13.46 -6.64
N SER B 64 4.01 -14.18 -5.58
CA SER B 64 5.29 -14.86 -5.56
C SER B 64 5.32 -15.84 -4.40
N ARG B 65 6.25 -16.78 -4.50
CA ARG B 65 6.49 -17.77 -3.46
C ARG B 65 7.98 -18.09 -3.44
N GLN B 66 8.56 -18.09 -2.23
CA GLN B 66 9.97 -18.35 -2.04
C GLN B 66 10.16 -19.35 -0.92
N ALA B 67 11.26 -20.11 -1.01
CA ALA B 67 11.59 -21.08 0.03
C ALA B 67 12.39 -20.40 1.13
N LEU B 68 12.00 -20.62 2.40
CA LEU B 68 12.70 -19.95 3.47
C LEU B 68 14.18 -20.31 3.50
N ASN B 69 14.60 -21.41 2.89
CA ASN B 69 16.03 -21.68 2.80
C ASN B 69 16.68 -20.90 1.68
N SER B 70 15.89 -20.32 0.78
CA SER B 70 16.46 -19.42 -0.20
C SER B 70 16.80 -18.06 0.39
N VAL B 71 16.33 -17.76 1.60
CA VAL B 71 16.54 -16.46 2.22
C VAL B 71 17.96 -16.41 2.77
N VAL B 72 18.74 -15.43 2.34
CA VAL B 72 20.09 -15.29 2.87
C VAL B 72 20.29 -13.99 3.64
N LYS B 73 19.43 -12.99 3.48
CA LYS B 73 19.59 -11.77 4.26
C LYS B 73 18.26 -11.06 4.36
N ILE B 74 18.07 -10.34 5.46
CA ILE B 74 16.87 -9.56 5.71
C ILE B 74 17.34 -8.29 6.40
N THR B 75 17.05 -7.14 5.80
CA THR B 75 17.49 -5.86 6.30
C THR B 75 16.27 -4.96 6.46
N SER B 76 16.38 -3.98 7.36
CA SER B 76 15.38 -2.93 7.46
C SER B 76 16.06 -1.58 7.29
N LYS B 77 15.40 -0.68 6.57
CA LYS B 77 16.02 0.59 6.23
C LYS B 77 16.09 1.50 7.45
N LYS B 78 17.21 2.19 7.57
CA LYS B 78 17.42 3.07 8.70
C LYS B 78 16.47 4.26 8.66
N LYS B 79 16.30 4.89 7.48
CA LYS B 79 15.33 5.99 7.34
C LYS B 79 13.89 5.52 7.55
N HIS B 80 13.55 4.32 7.05
CA HIS B 80 12.18 3.78 7.08
C HIS B 80 12.22 2.38 7.70
N PRO B 81 12.08 2.29 9.01
CA PRO B 81 12.38 1.01 9.68
C PRO B 81 11.42 -0.13 9.38
N GLU B 82 10.27 0.14 8.76
CA GLU B 82 9.33 -0.93 8.44
C GLU B 82 9.42 -1.31 6.99
N LEU B 83 10.41 -0.79 6.29
CA LEU B 83 10.70 -1.19 4.93
C LEU B 83 11.69 -2.36 5.01
N ILE B 84 11.19 -3.57 4.84
CA ILE B 84 11.99 -4.77 4.97
C ILE B 84 12.40 -5.24 3.60
N THR B 85 13.67 -5.63 3.47
CA THR B 85 14.22 -6.20 2.25
C THR B 85 14.62 -7.64 2.53
N PHE B 86 14.10 -8.57 1.73
CA PHE B 86 14.51 -9.97 1.78
C PHE B 86 15.41 -10.21 0.61
N LYS B 87 16.60 -10.76 0.85
CA LYS B 87 17.49 -11.11 -0.25
C LYS B 87 17.60 -12.63 -0.30
N TYR B 88 17.38 -13.20 -1.50
CA TYR B 88 17.40 -14.64 -1.72
C TYR B 88 18.59 -15.07 -2.58
N GLY B 89 19.09 -16.28 -2.32
CA GLY B 89 20.29 -16.71 -3.01
C GLY B 89 20.82 -18.02 -2.46
N ASN B 90 22.12 -18.26 -2.69
N ASN B 90 22.12 -18.25 -2.68
CA ASN B 90 22.76 -19.54 -2.40
CA ASN B 90 22.78 -19.52 -2.41
C ASN B 90 23.81 -19.39 -1.32
C ASN B 90 23.80 -19.38 -1.30
N SER B 91 24.10 -20.51 -0.65
CA SER B 91 25.14 -20.57 0.38
C SER B 91 26.21 -21.61 0.07
C GLY B 95 28.50 -17.64 0.23
N ILE B 96 28.02 -16.48 -0.24
CA ILE B 96 26.59 -16.24 -0.43
C ILE B 96 26.39 -15.38 -1.68
N GLU B 97 25.66 -15.93 -2.67
CA GLU B 97 25.33 -15.23 -3.91
C GLU B 97 23.84 -14.87 -3.90
N ILE B 98 23.52 -13.63 -4.26
CA ILE B 98 22.19 -13.06 -4.14
C ILE B 98 21.52 -13.06 -5.51
N LEU B 99 20.46 -13.84 -5.66
CA LEU B 99 19.77 -13.95 -6.93
C LEU B 99 18.58 -13.01 -7.05
N ALA B 100 17.89 -12.72 -5.96
CA ALA B 100 16.66 -11.94 -6.03
C ALA B 100 16.46 -11.15 -4.76
N ILE B 101 15.66 -10.10 -4.88
CA ILE B 101 15.36 -9.19 -3.77
C ILE B 101 13.88 -8.84 -3.78
N GLU B 102 13.24 -8.83 -2.60
CA GLU B 102 11.86 -8.39 -2.48
C GLU B 102 11.77 -7.44 -1.30
N ARG B 103 11.10 -6.31 -1.48
CA ARG B 103 10.95 -5.31 -0.43
C ARG B 103 9.48 -5.19 -0.07
N TYR B 104 9.20 -5.03 1.22
CA TYR B 104 7.83 -4.96 1.73
C TYR B 104 7.74 -3.92 2.82
N LEU B 105 6.61 -3.26 2.88
CA LEU B 105 6.31 -2.28 3.91
C LEU B 105 5.48 -3.00 4.96
N ILE B 106 6.11 -3.36 6.06
CA ILE B 106 5.40 -4.28 6.98
C ILE B 106 5.11 -3.52 8.26
N PRO B 107 3.85 -3.27 8.57
CA PRO B 107 3.51 -2.81 9.92
C PRO B 107 3.90 -3.85 10.95
N ASN B 108 4.31 -3.39 12.13
CA ASN B 108 4.90 -4.27 13.14
C ASN B 108 5.99 -5.13 12.52
N ALA B 109 6.83 -4.48 11.71
CA ALA B 109 7.91 -5.22 11.06
C ALA B 109 8.74 -5.97 12.10
N GLY B 110 8.88 -5.39 13.28
CA GLY B 110 9.52 -6.07 14.38
C GLY B 110 8.96 -7.46 14.61
N ASP B 111 7.67 -7.55 14.94
CA ASP B 111 7.08 -8.86 15.20
C ASP B 111 7.12 -9.73 13.95
N ALA B 112 6.86 -9.14 12.79
CA ALA B 112 6.72 -9.93 11.58
C ALA B 112 8.04 -10.56 11.18
N THR B 113 9.13 -9.79 11.22
CA THR B 113 10.38 -10.41 10.81
C THR B 113 10.90 -11.37 11.88
N ARG B 114 10.64 -11.08 13.15
CA ARG B 114 10.98 -12.05 14.20
C ARG B 114 10.32 -13.41 13.95
N ALA B 115 9.04 -13.40 13.57
CA ALA B 115 8.34 -14.64 13.24
C ALA B 115 9.00 -15.37 12.07
N ILE B 116 9.09 -14.71 10.92
CA ILE B 116 9.77 -15.31 9.77
C ILE B 116 11.17 -15.81 10.15
N LYS B 117 11.94 -15.01 10.88
CA LYS B 117 13.27 -15.44 11.29
C LYS B 117 13.20 -16.72 12.09
N GLN B 118 12.21 -16.84 12.97
CA GLN B 118 12.10 -18.03 13.81
C GLN B 118 11.83 -19.28 12.98
N GLN B 119 11.07 -19.14 11.90
CA GLN B 119 10.83 -20.27 11.01
C GLN B 119 12.05 -20.55 10.14
N ILE B 120 12.72 -19.49 9.69
CA ILE B 120 13.93 -19.66 8.89
C ILE B 120 14.94 -20.50 9.66
N MET B 121 15.10 -20.21 10.95
CA MET B 121 16.21 -20.73 11.73
C MET B 121 15.92 -22.02 12.47
N LYS B 122 14.67 -22.30 12.78
CA LYS B 122 14.36 -23.47 13.62
C LYS B 122 13.45 -24.46 12.91
N ASP C 1 4.13 27.66 -1.21
CA ASP C 1 3.90 27.62 0.23
C ASP C 1 2.44 27.27 0.58
N ASP C 2 2.24 26.58 1.70
CA ASP C 2 1.01 25.81 1.96
C ASP C 2 0.41 26.11 3.34
N ASN C 3 -0.85 25.70 3.52
CA ASN C 3 -1.60 25.81 4.76
C ASN C 3 -1.87 24.43 5.35
N THR C 4 -1.42 24.18 6.57
CA THR C 4 -1.79 22.93 7.20
C THR C 4 -3.29 22.88 7.48
N LEU C 5 -3.94 21.83 6.98
CA LEU C 5 -5.34 21.56 7.29
C LEU C 5 -5.51 20.44 8.31
N TYR C 6 -4.51 19.56 8.41
CA TYR C 6 -4.53 18.43 9.31
C TYR C 6 -3.09 17.94 9.46
N HIS C 7 -2.73 17.53 10.67
CA HIS C 7 -1.36 17.13 10.97
C HIS C 7 -1.42 16.18 12.16
N ARG C 8 -1.26 14.89 11.92
CA ARG C 8 -1.59 13.92 12.95
C ARG C 8 -0.73 14.13 14.17
N GLY C 9 -1.38 14.28 15.32
CA GLY C 9 -0.74 14.54 16.57
C GLY C 9 -0.79 15.99 17.03
N PHE C 10 -1.08 16.91 16.13
CA PHE C 10 -0.95 18.33 16.39
C PHE C 10 -2.25 19.11 16.26
N THR C 11 -3.08 18.81 15.26
CA THR C 11 -4.25 19.64 15.03
C THR C 11 -5.53 19.04 15.63
N GLU C 12 -5.43 17.95 16.38
CA GLU C 12 -6.62 17.43 17.01
C GLU C 12 -6.78 18.13 18.33
N ASP D 1 20.82 3.16 3.71
CA ASP D 1 21.68 2.35 4.57
C ASP D 1 20.80 1.49 5.49
N ASP D 2 21.13 0.22 5.62
CA ASP D 2 20.25 -0.75 6.25
C ASP D 2 20.80 -1.22 7.59
N ASN D 3 19.88 -1.80 8.36
CA ASN D 3 20.19 -2.55 9.58
C ASN D 3 19.94 -4.02 9.31
N THR D 4 20.96 -4.86 9.46
CA THR D 4 20.82 -6.30 9.26
C THR D 4 19.94 -6.91 10.35
N LEU D 5 18.90 -7.66 9.96
CA LEU D 5 18.08 -8.41 10.89
C LEU D 5 18.32 -9.91 10.83
N TYR D 6 18.88 -10.41 9.74
CA TYR D 6 19.18 -11.81 9.59
C TYR D 6 20.16 -11.95 8.45
N HIS D 7 21.10 -12.86 8.59
CA HIS D 7 22.12 -13.04 7.57
C HIS D 7 22.62 -14.48 7.72
N ARG D 8 22.19 -15.36 6.81
CA ARG D 8 22.43 -16.79 6.95
C ARG D 8 23.91 -17.08 7.19
N GLY D 9 24.21 -17.62 8.37
CA GLY D 9 25.55 -18.05 8.70
C GLY D 9 26.28 -17.12 9.65
N PHE D 10 25.67 -16.00 10.03
CA PHE D 10 26.30 -14.98 10.84
C PHE D 10 25.43 -14.66 12.04
N THR D 11 24.13 -14.51 11.83
CA THR D 11 23.30 -13.99 12.90
C THR D 11 22.60 -15.09 13.69
N GLU D 12 22.69 -16.33 13.23
CA GLU D 12 22.26 -17.46 14.03
C GLU D 12 23.14 -17.54 15.24
P PO4 E . -13.42 -0.72 3.04
O1 PO4 E . -12.15 -1.22 3.81
O2 PO4 E . -14.26 -1.95 2.55
O3 PO4 E . -14.24 0.21 4.01
O4 PO4 E . -12.99 0.09 1.76
C1 GOL F . 1.51 2.60 3.87
O1 GOL F . 0.18 2.66 4.32
C2 GOL F . 2.00 3.99 3.50
O2 GOL F . 1.96 4.76 4.69
C3 GOL F . 1.08 4.60 2.47
O3 GOL F . 1.11 3.80 1.32
C1 GOL G . -2.19 0.08 -8.44
O1 GOL G . -1.44 0.89 -9.31
C2 GOL G . -2.13 0.71 -7.05
O2 GOL G . -0.78 0.79 -6.68
C3 GOL G . -2.96 -0.05 -6.02
O3 GOL G . -2.64 -1.42 -6.04
C1 GOL H . -1.08 3.18 -4.02
O1 GOL H . 0.23 3.12 -4.53
C2 GOL H . -1.31 1.99 -3.11
O2 GOL H . -2.60 1.47 -3.34
C3 GOL H . -1.15 2.39 -1.66
O3 GOL H . -1.65 1.35 -0.86
P PO4 I . 3.92 -25.30 1.93
O1 PO4 I . 4.94 -24.15 2.16
O2 PO4 I . 3.91 -26.23 3.22
O3 PO4 I . 2.48 -24.71 1.68
O4 PO4 I . 4.37 -26.10 0.65
P PO4 J . 7.83 -2.39 -13.76
O1 PO4 J . 8.96 -2.42 -12.66
O2 PO4 J . 8.24 -1.38 -14.91
O3 PO4 J . 7.63 -3.88 -14.27
O4 PO4 J . 6.45 -1.90 -13.18
P PO4 K . 0.65 26.77 8.37
O1 PO4 K . 1.08 28.05 9.17
O2 PO4 K . 1.25 25.53 9.13
O3 PO4 K . -0.93 26.66 8.24
O4 PO4 K . 1.30 26.83 6.94
P PO4 L . 24.04 -3.58 11.10
O1 PO4 L . 25.23 -4.05 12.00
O2 PO4 L . 24.50 -3.86 9.62
O3 PO4 L . 22.77 -4.43 11.56
O4 PO4 L . 23.77 -2.04 11.35
#